data_8C4Q
#
_entry.id   8C4Q
#
_cell.length_a   42.700
_cell.length_b   64.520
_cell.length_c   129.480
_cell.angle_alpha   90.000
_cell.angle_beta   90.000
_cell.angle_gamma   90.000
#
_symmetry.space_group_name_H-M   'P 21 21 21'
#
loop_
_entity.id
_entity.type
_entity.pdbx_description
1 polymer 'Diadenylate cyclase'
2 non-polymer 'CHLORIDE ION'
3 water water
#
_entity_poly.entity_id   1
_entity_poly.type   'polypeptide(L)'
_entity_poly.pdbx_seq_one_letter_code
;GPLGSYGSRIEREQHHLIESIEKSTQYMAKRRIGALISVARDTGMDDYIETGIPLNAKISSQLLINIFIPNTPLHDGAVI
IKGNEIASAASYLPLSDSPFLSKELGTRHRAALGISEVTDSITIVVSEETGGISLTKGGELFRDVSEEELHKILLKELVT
VTAKKPSIFSKWKGGKSE
;
_entity_poly.pdbx_strand_id   A,B
#
# COMPACT_ATOMS: atom_id res chain seq x y z
N SER A 8 -10.99 -14.38 10.88
CA SER A 8 -9.84 -15.17 10.44
C SER A 8 -10.24 -16.63 10.26
N ARG A 9 -10.82 -16.95 9.11
CA ARG A 9 -11.30 -18.30 8.83
C ARG A 9 -10.61 -18.90 7.61
N ILE A 10 -9.28 -18.81 7.56
CA ILE A 10 -8.40 -19.39 6.54
C ILE A 10 -9.00 -19.48 5.14
N GLU A 11 -10.07 -20.26 4.98
CA GLU A 11 -10.69 -20.40 3.67
C GLU A 11 -11.18 -19.06 3.14
N ARG A 12 -11.80 -18.24 4.00
CA ARG A 12 -12.17 -16.90 3.60
C ARG A 12 -10.95 -16.09 3.19
N GLU A 13 -9.87 -16.19 3.97
CA GLU A 13 -8.64 -15.48 3.64
C GLU A 13 -8.08 -15.91 2.29
N GLN A 14 -8.08 -17.23 2.03
CA GLN A 14 -7.47 -17.73 0.80
C GLN A 14 -8.25 -17.28 -0.41
N HIS A 15 -9.59 -17.30 -0.31
CA HIS A 15 -10.38 -16.86 -1.44
C HIS A 15 -10.24 -15.36 -1.67
N HIS A 16 -10.13 -14.59 -0.58
CA HIS A 16 -9.90 -13.15 -0.72
C HIS A 16 -8.56 -12.86 -1.37
N LEU A 17 -7.56 -13.66 -1.04
CA LEU A 17 -6.25 -13.51 -1.68
C LEU A 17 -6.35 -13.76 -3.19
N ILE A 18 -7.02 -14.85 -3.59
CA ILE A 18 -7.21 -15.12 -5.01
C ILE A 18 -7.89 -13.95 -5.69
N GLU A 19 -8.99 -13.47 -5.11
CA GLU A 19 -9.72 -12.37 -5.72
C GLU A 19 -8.86 -11.13 -5.81
N SER A 20 -8.05 -10.87 -4.77
CA SER A 20 -7.20 -9.69 -4.77
C SER A 20 -6.16 -9.75 -5.89
N ILE A 21 -5.59 -10.93 -6.12
CA ILE A 21 -4.65 -11.11 -7.23
C ILE A 21 -5.36 -10.94 -8.56
N GLU A 22 -6.54 -11.55 -8.70
CA GLU A 22 -7.25 -11.47 -9.98
C GLU A 22 -7.60 -10.04 -10.33
N LYS A 23 -8.18 -9.31 -9.38
CA LYS A 23 -8.63 -7.95 -9.65
C LYS A 23 -7.45 -7.03 -9.93
N SER A 24 -6.39 -7.12 -9.13
CA SER A 24 -5.25 -6.23 -9.34
C SER A 24 -4.53 -6.54 -10.64
N THR A 25 -4.32 -7.82 -10.95
CA THR A 25 -3.63 -8.13 -12.19
C THR A 25 -4.47 -7.76 -13.41
N GLN A 26 -5.79 -7.93 -13.32
CA GLN A 26 -6.65 -7.48 -14.41
C GLN A 26 -6.51 -5.99 -14.63
N TYR A 27 -6.54 -5.22 -13.53
CA TYR A 27 -6.39 -3.78 -13.63
C TYR A 27 -5.06 -3.41 -14.25
N MET A 28 -3.98 -4.06 -13.82
CA MET A 28 -2.66 -3.71 -14.32
C MET A 28 -2.44 -4.20 -15.74
N ALA A 29 -2.98 -5.38 -16.08
CA ALA A 29 -2.84 -5.91 -17.43
C ALA A 29 -3.46 -4.96 -18.46
N LYS A 30 -4.67 -4.46 -18.18
CA LYS A 30 -5.32 -3.56 -19.13
C LYS A 30 -4.50 -2.31 -19.37
N ARG A 31 -3.74 -1.86 -18.36
CA ARG A 31 -2.93 -0.65 -18.45
C ARG A 31 -1.46 -0.92 -18.73
N ARG A 32 -1.07 -2.18 -18.96
CA ARG A 32 0.33 -2.54 -19.22
C ARG A 32 1.25 -2.06 -18.10
N ILE A 33 0.78 -2.20 -16.86
CA ILE A 33 1.62 -1.93 -15.69
C ILE A 33 2.31 -3.23 -15.30
N GLY A 34 3.63 -3.22 -15.28
CA GLY A 34 4.38 -4.39 -14.85
C GLY A 34 4.18 -4.70 -13.38
N ALA A 35 4.11 -6.00 -13.07
CA ALA A 35 3.89 -6.43 -11.70
C ALA A 35 4.55 -7.79 -11.45
N LEU A 36 4.88 -8.05 -10.19
CA LEU A 36 5.58 -9.28 -9.82
C LEU A 36 5.15 -9.59 -8.39
N ILE A 37 4.34 -10.62 -8.20
CA ILE A 37 3.71 -10.90 -6.92
C ILE A 37 4.02 -12.36 -6.57
N SER A 38 4.78 -12.59 -5.51
CA SER A 38 5.12 -13.94 -5.11
C SER A 38 4.41 -14.31 -3.81
N VAL A 39 3.69 -15.44 -3.84
CA VAL A 39 2.93 -15.92 -2.68
C VAL A 39 3.70 -17.08 -2.04
N ALA A 40 4.13 -16.90 -0.80
CA ALA A 40 4.86 -17.94 -0.09
C ALA A 40 3.94 -19.10 0.25
N ARG A 41 4.47 -20.33 0.14
CA ARG A 41 3.72 -21.50 0.60
C ARG A 41 4.49 -22.20 1.72
N ASP A 42 4.81 -23.49 1.55
CA ASP A 42 5.50 -24.22 2.61
C ASP A 42 6.96 -23.79 2.74
N THR A 43 7.62 -23.50 1.60
CA THR A 43 8.98 -23.01 1.63
C THR A 43 8.98 -21.54 2.05
N GLY A 44 9.87 -21.18 2.96
CA GLY A 44 9.89 -19.82 3.45
C GLY A 44 10.50 -18.85 2.45
N MET A 45 9.95 -17.63 2.45
CA MET A 45 10.42 -16.51 1.66
C MET A 45 11.04 -15.43 2.54
N ASP A 46 11.32 -15.74 3.81
CA ASP A 46 11.66 -14.70 4.78
C ASP A 46 12.89 -13.90 4.38
N ASP A 47 13.89 -14.55 3.78
CA ASP A 47 15.09 -13.79 3.44
C ASP A 47 14.83 -12.80 2.33
N TYR A 48 13.94 -13.13 1.39
CA TYR A 48 13.58 -12.21 0.32
C TYR A 48 12.68 -11.09 0.83
N ILE A 49 11.81 -11.40 1.80
CA ILE A 49 11.03 -10.35 2.45
C ILE A 49 11.95 -9.29 3.03
N GLU A 50 13.06 -9.73 3.64
CA GLU A 50 13.95 -8.81 4.32
C GLU A 50 14.65 -7.87 3.36
N THR A 51 14.70 -8.20 2.07
CA THR A 51 15.36 -7.35 1.10
C THR A 51 14.49 -6.19 0.63
N GLY A 52 13.20 -6.22 0.91
CA GLY A 52 12.30 -5.20 0.42
C GLY A 52 11.94 -4.18 1.49
N ILE A 53 10.89 -3.42 1.19
CA ILE A 53 10.34 -2.42 2.09
C ILE A 53 9.21 -3.08 2.87
N PRO A 54 9.26 -3.11 4.19
CA PRO A 54 8.24 -3.86 4.94
C PRO A 54 6.91 -3.13 4.92
N LEU A 55 5.85 -3.86 4.65
CA LEU A 55 4.49 -3.34 4.67
C LEU A 55 3.63 -4.02 5.71
N ASN A 56 3.70 -5.34 5.84
CA ASN A 56 2.93 -6.10 6.82
C ASN A 56 1.46 -5.68 6.77
N ALA A 57 0.91 -5.59 5.56
CA ALA A 57 -0.37 -4.93 5.31
C ALA A 57 -1.48 -5.93 5.00
N LYS A 58 -2.72 -5.49 5.26
CA LYS A 58 -3.88 -6.27 4.82
C LYS A 58 -3.85 -6.42 3.30
N ILE A 59 -4.23 -7.60 2.82
CA ILE A 59 -4.25 -7.86 1.39
C ILE A 59 -5.48 -7.17 0.80
N SER A 60 -5.27 -6.38 -0.26
CA SER A 60 -6.39 -5.85 -1.04
C SER A 60 -5.94 -5.69 -2.48
N SER A 61 -6.90 -5.76 -3.41
CA SER A 61 -6.59 -5.41 -4.80
C SER A 61 -6.10 -3.98 -4.91
N GLN A 62 -6.70 -3.06 -4.14
CA GLN A 62 -6.33 -1.65 -4.24
C GLN A 62 -4.88 -1.42 -3.84
N LEU A 63 -4.42 -2.04 -2.76
CA LEU A 63 -3.03 -1.82 -2.34
C LEU A 63 -2.06 -2.46 -3.33
N LEU A 64 -2.39 -3.64 -3.84
CA LEU A 64 -1.53 -4.26 -4.86
C LEU A 64 -1.36 -3.34 -6.07
N ILE A 65 -2.46 -2.74 -6.53
CA ILE A 65 -2.37 -1.82 -7.67
C ILE A 65 -1.50 -0.63 -7.33
N ASN A 66 -1.78 0.04 -6.20
CA ASN A 66 -1.01 1.21 -5.82
C ASN A 66 0.49 0.93 -5.71
N ILE A 67 0.86 -0.29 -5.32
CA ILE A 67 2.28 -0.61 -5.15
C ILE A 67 3.02 -0.53 -6.48
N PHE A 68 2.40 -1.01 -7.56
CA PHE A 68 3.10 -1.20 -8.81
C PHE A 68 3.02 0.00 -9.74
N ILE A 69 2.40 1.09 -9.34
CA ILE A 69 2.33 2.25 -10.23
C ILE A 69 3.74 2.65 -10.63
N PRO A 70 4.01 2.89 -11.92
CA PRO A 70 5.39 3.12 -12.35
C PRO A 70 6.01 4.36 -11.72
N ASN A 71 7.33 4.30 -11.54
CA ASN A 71 8.13 5.43 -11.06
C ASN A 71 7.73 5.88 -9.66
N THR A 72 7.34 4.92 -8.82
CA THR A 72 7.00 5.17 -7.42
C THR A 72 7.97 4.43 -6.50
N PRO A 73 8.04 4.84 -5.23
CA PRO A 73 9.00 4.19 -4.31
C PRO A 73 8.84 2.68 -4.15
N LEU A 74 7.62 2.14 -4.20
CA LEU A 74 7.39 0.73 -3.92
C LEU A 74 7.42 -0.18 -5.15
N HIS A 75 7.53 0.36 -6.36
CA HIS A 75 7.26 -0.46 -7.54
C HIS A 75 8.40 -1.37 -7.98
N ASP A 76 9.66 -1.06 -7.63
CA ASP A 76 10.80 -1.67 -8.33
C ASP A 76 11.26 -2.95 -7.64
N GLY A 77 10.49 -4.01 -7.85
CA GLY A 77 10.82 -5.31 -7.32
C GLY A 77 9.56 -6.12 -7.09
N ALA A 78 9.69 -7.16 -6.28
CA ALA A 78 8.57 -8.08 -6.04
C ALA A 78 7.80 -7.69 -4.80
N VAL A 79 6.49 -7.86 -4.87
CA VAL A 79 5.65 -8.00 -3.69
C VAL A 79 5.71 -9.44 -3.22
N ILE A 80 5.87 -9.64 -1.92
CA ILE A 80 5.83 -10.97 -1.33
C ILE A 80 4.66 -11.03 -0.35
N ILE A 81 3.78 -12.00 -0.57
CA ILE A 81 2.64 -12.23 0.30
C ILE A 81 2.95 -13.42 1.19
N LYS A 82 2.80 -13.25 2.49
CA LYS A 82 3.13 -14.27 3.46
C LYS A 82 1.98 -14.40 4.43
N GLY A 83 1.37 -15.58 4.45
CA GLY A 83 0.19 -15.83 5.23
C GLY A 83 -0.94 -14.95 4.75
N ASN A 84 -1.41 -14.08 5.61
CA ASN A 84 -2.51 -13.21 5.26
C ASN A 84 -2.09 -11.75 5.19
N GLU A 85 -0.82 -11.48 4.86
CA GLU A 85 -0.37 -10.10 4.71
C GLU A 85 0.43 -9.92 3.42
N ILE A 86 0.38 -8.70 2.90
CA ILE A 86 1.40 -8.22 1.98
C ILE A 86 2.62 -7.89 2.83
N ALA A 87 3.63 -8.77 2.82
CA ALA A 87 4.74 -8.64 3.75
C ALA A 87 5.67 -7.52 3.34
N SER A 88 6.03 -7.46 2.06
CA SER A 88 7.03 -6.51 1.57
C SER A 88 6.73 -6.17 0.13
N ALA A 89 7.28 -5.04 -0.30
CA ALA A 89 7.32 -4.64 -1.69
C ALA A 89 8.76 -4.32 -2.05
N ALA A 90 9.02 -4.22 -3.36
CA ALA A 90 10.36 -3.89 -3.86
C ALA A 90 11.42 -4.89 -3.38
N SER A 91 11.01 -6.17 -3.27
CA SER A 91 11.92 -7.23 -2.82
C SER A 91 12.73 -7.83 -3.97
N TYR A 92 13.94 -8.27 -3.63
CA TYR A 92 14.75 -9.07 -4.52
C TYR A 92 14.20 -10.47 -4.61
N LEU A 93 14.22 -11.02 -5.82
CA LEU A 93 14.06 -12.43 -6.10
C LEU A 93 15.22 -12.89 -6.96
N PRO A 94 15.71 -14.10 -6.76
CA PRO A 94 16.82 -14.59 -7.58
C PRO A 94 16.40 -14.76 -9.04
N LEU A 95 17.28 -14.34 -9.95
CA LEU A 95 17.05 -14.53 -11.38
C LEU A 95 17.39 -15.94 -11.82
N SER A 96 16.50 -16.56 -12.59
CA SER A 96 16.85 -17.82 -13.22
C SER A 96 17.96 -17.61 -14.24
N ASP A 97 18.88 -18.56 -14.32
CA ASP A 97 19.88 -18.58 -15.37
C ASP A 97 19.45 -19.42 -16.56
N SER A 98 18.20 -19.87 -16.59
CA SER A 98 17.81 -20.85 -17.59
C SER A 98 17.92 -20.25 -19.00
N PRO A 99 18.56 -20.95 -19.94
CA PRO A 99 18.54 -20.50 -21.34
C PRO A 99 17.26 -20.88 -22.07
N PHE A 100 16.38 -21.63 -21.40
CA PHE A 100 15.10 -22.01 -21.98
C PHE A 100 14.07 -20.89 -21.89
N LEU A 101 14.23 -19.93 -21.00
CA LEU A 101 13.28 -18.83 -20.93
C LEU A 101 13.45 -17.92 -22.14
N SER A 102 12.35 -17.63 -22.83
CA SER A 102 12.41 -16.79 -24.03
C SER A 102 13.08 -15.45 -23.75
N LYS A 103 13.94 -15.03 -24.68
CA LYS A 103 14.58 -13.72 -24.58
C LYS A 103 13.59 -12.57 -24.77
N GLU A 104 12.39 -12.86 -25.27
CA GLU A 104 11.36 -11.84 -25.38
C GLU A 104 10.83 -11.40 -24.03
N LEU A 105 11.07 -12.19 -22.99
CA LEU A 105 10.56 -11.89 -21.66
C LEU A 105 11.62 -11.19 -20.82
N GLY A 106 11.15 -10.35 -19.90
CA GLY A 106 12.01 -9.44 -19.16
C GLY A 106 12.43 -9.97 -17.81
N THR A 107 13.03 -9.07 -17.03
CA THR A 107 13.60 -9.43 -15.74
C THR A 107 12.53 -9.94 -14.78
N ARG A 108 11.33 -9.37 -14.84
CA ARG A 108 10.27 -9.84 -13.95
C ARG A 108 10.00 -11.32 -14.15
N HIS A 109 9.94 -11.77 -15.40
CA HIS A 109 9.72 -13.19 -15.66
C HIS A 109 10.90 -14.03 -15.21
N ARG A 110 12.12 -13.53 -15.43
CA ARG A 110 13.30 -14.28 -15.02
C ARG A 110 13.39 -14.35 -13.51
N ALA A 111 12.99 -13.27 -12.82
CA ALA A 111 12.88 -13.30 -11.38
C ALA A 111 11.81 -14.27 -10.92
N ALA A 112 10.62 -14.22 -11.52
CA ALA A 112 9.59 -15.18 -11.17
C ALA A 112 10.02 -16.62 -11.42
N LEU A 113 10.73 -16.88 -12.51
CA LEU A 113 11.21 -18.23 -12.75
C LEU A 113 12.25 -18.64 -11.69
N GLY A 114 13.13 -17.71 -11.31
CA GLY A 114 14.19 -18.03 -10.36
C GLY A 114 13.69 -18.40 -8.96
N ILE A 115 12.75 -17.62 -8.42
CA ILE A 115 12.22 -17.99 -7.11
C ILE A 115 11.48 -19.32 -7.19
N SER A 116 10.84 -19.60 -8.34
CA SER A 116 10.10 -20.85 -8.49
C SER A 116 11.03 -22.06 -8.51
N GLU A 117 12.32 -21.86 -8.81
CA GLU A 117 13.28 -22.96 -8.90
C GLU A 117 13.81 -23.38 -7.54
N VAL A 118 13.64 -22.53 -6.52
CA VAL A 118 14.23 -22.73 -5.20
C VAL A 118 13.22 -22.70 -4.09
N THR A 119 11.94 -22.47 -4.38
CA THR A 119 10.86 -22.49 -3.39
C THR A 119 9.64 -23.12 -4.05
N ASP A 120 8.64 -23.42 -3.23
CA ASP A 120 7.34 -23.82 -3.73
C ASP A 120 6.36 -22.65 -3.83
N SER A 121 6.88 -21.43 -3.94
N SER A 121 6.89 -21.42 -3.93
CA SER A 121 6.01 -20.27 -4.05
CA SER A 121 6.02 -20.25 -4.04
C SER A 121 5.28 -20.26 -5.39
C SER A 121 5.30 -20.24 -5.39
N ILE A 122 4.16 -19.56 -5.42
CA ILE A 122 3.42 -19.28 -6.64
C ILE A 122 3.64 -17.81 -6.97
N THR A 123 4.14 -17.52 -8.17
CA THR A 123 4.49 -16.15 -8.52
C THR A 123 3.72 -15.73 -9.77
N ILE A 124 3.16 -14.52 -9.73
CA ILE A 124 2.34 -13.98 -10.82
C ILE A 124 3.04 -12.75 -11.39
N VAL A 125 3.12 -12.67 -12.70
CA VAL A 125 3.76 -11.57 -13.40
C VAL A 125 2.76 -10.91 -14.34
N VAL A 126 2.77 -9.58 -14.38
CA VAL A 126 2.09 -8.84 -15.44
C VAL A 126 3.18 -8.19 -16.29
N SER A 127 3.17 -8.49 -17.59
CA SER A 127 4.16 -7.91 -18.49
C SER A 127 3.82 -6.46 -18.80
N GLU A 128 4.80 -5.57 -18.61
CA GLU A 128 4.63 -4.18 -19.02
C GLU A 128 4.74 -4.00 -20.53
N GLU A 129 5.24 -5.01 -21.26
CA GLU A 129 5.32 -4.92 -22.70
C GLU A 129 4.01 -5.32 -23.37
N THR A 130 3.36 -6.37 -22.89
CA THR A 130 2.19 -6.93 -23.55
C THR A 130 0.92 -6.90 -22.71
N GLY A 131 1.02 -6.68 -21.39
CA GLY A 131 -0.10 -6.91 -20.51
C GLY A 131 -0.42 -8.36 -20.24
N GLY A 132 0.32 -9.30 -20.83
CA GLY A 132 0.06 -10.70 -20.55
C GLY A 132 0.37 -11.04 -19.10
N ILE A 133 -0.43 -11.93 -18.54
CA ILE A 133 -0.25 -12.43 -17.18
C ILE A 133 0.40 -13.81 -17.25
N SER A 134 1.48 -14.00 -16.51
CA SER A 134 2.15 -15.30 -16.45
C SER A 134 2.26 -15.75 -15.01
N LEU A 135 2.55 -17.04 -14.83
N LEU A 135 2.45 -17.07 -14.83
CA LEU A 135 2.65 -17.62 -13.49
CA LEU A 135 2.65 -17.65 -13.51
C LEU A 135 3.78 -18.64 -13.46
C LEU A 135 3.91 -18.51 -13.55
N THR A 136 4.61 -18.61 -12.42
CA THR A 136 5.67 -19.59 -12.27
C THR A 136 5.43 -20.47 -11.06
N LYS A 137 5.82 -21.75 -11.20
CA LYS A 137 5.73 -22.72 -10.12
C LYS A 137 6.67 -23.88 -10.43
N GLY A 138 7.53 -24.22 -9.47
CA GLY A 138 8.39 -25.39 -9.63
C GLY A 138 9.29 -25.35 -10.85
N GLY A 139 9.80 -24.18 -11.20
CA GLY A 139 10.71 -24.10 -12.34
C GLY A 139 10.04 -24.02 -13.69
N GLU A 140 8.72 -23.91 -13.73
CA GLU A 140 7.99 -23.86 -14.98
C GLU A 140 7.26 -22.53 -15.09
N LEU A 141 7.03 -22.13 -16.34
CA LEU A 141 6.35 -20.90 -16.68
C LEU A 141 5.03 -21.22 -17.37
N PHE A 142 3.97 -20.56 -16.95
N PHE A 142 3.97 -20.55 -16.95
CA PHE A 142 2.68 -20.62 -17.61
CA PHE A 142 2.69 -20.63 -17.65
C PHE A 142 2.51 -19.23 -18.20
C PHE A 142 2.46 -19.24 -18.22
N ARG A 143 2.70 -19.11 -19.51
CA ARG A 143 2.84 -17.80 -20.15
C ARG A 143 1.52 -17.34 -20.74
N ASP A 144 1.18 -16.08 -20.47
CA ASP A 144 0.01 -15.42 -21.06
C ASP A 144 -1.26 -16.23 -20.84
N VAL A 145 -1.59 -16.42 -19.57
CA VAL A 145 -2.77 -17.22 -19.23
C VAL A 145 -4.03 -16.38 -19.35
N SER A 146 -5.12 -17.01 -19.75
CA SER A 146 -6.40 -16.31 -19.78
C SER A 146 -6.89 -16.11 -18.35
N GLU A 147 -7.97 -15.32 -18.23
CA GLU A 147 -8.55 -15.09 -16.90
C GLU A 147 -9.05 -16.39 -16.29
N GLU A 148 -9.68 -17.24 -17.11
CA GLU A 148 -10.17 -18.52 -16.60
C GLU A 148 -9.01 -19.39 -16.14
N GLU A 149 -7.93 -19.45 -16.93
CA GLU A 149 -6.79 -20.28 -16.57
C GLU A 149 -6.13 -19.78 -15.30
N LEU A 150 -5.96 -18.46 -15.18
CA LEU A 150 -5.39 -17.91 -13.96
C LEU A 150 -6.23 -18.29 -12.75
N HIS A 151 -7.56 -18.19 -12.89
CA HIS A 151 -8.46 -18.50 -11.79
C HIS A 151 -8.31 -19.95 -11.36
N LYS A 152 -8.29 -20.88 -12.32
CA LYS A 152 -8.19 -22.29 -11.97
C LYS A 152 -6.85 -22.60 -11.29
N ILE A 153 -5.77 -21.99 -11.79
CA ILE A 153 -4.46 -22.27 -11.19
C ILE A 153 -4.40 -21.73 -9.77
N LEU A 154 -4.88 -20.49 -9.56
CA LEU A 154 -4.83 -19.92 -8.23
C LEU A 154 -5.71 -20.72 -7.28
N LEU A 155 -6.89 -21.13 -7.73
CA LEU A 155 -7.75 -21.97 -6.90
C LEU A 155 -7.03 -23.25 -6.50
N LYS A 156 -6.40 -23.92 -7.48
CA LYS A 156 -5.78 -25.20 -7.20
C LYS A 156 -4.59 -25.06 -6.26
N GLU A 157 -3.82 -23.97 -6.39
CA GLU A 157 -2.55 -23.86 -5.68
C GLU A 157 -2.63 -23.09 -4.38
N LEU A 158 -3.57 -22.14 -4.23
CA LEU A 158 -3.64 -21.32 -3.03
C LEU A 158 -4.77 -21.68 -2.08
N VAL A 159 -5.74 -22.48 -2.50
CA VAL A 159 -6.83 -22.92 -1.64
C VAL A 159 -6.55 -24.37 -1.23
N THR A 160 -6.43 -24.59 0.08
CA THR A 160 -6.11 -25.90 0.62
C THR A 160 -7.22 -26.49 1.49
N VAL A 161 -8.36 -25.79 1.63
CA VAL A 161 -9.44 -26.20 2.50
C VAL A 161 -10.71 -26.35 1.68
N THR A 162 -11.47 -27.41 1.97
CA THR A 162 -12.72 -27.67 1.29
C THR A 162 -13.88 -27.07 2.10
N ALA A 163 -15.11 -27.32 1.65
CA ALA A 163 -16.28 -26.87 2.40
C ALA A 163 -16.33 -27.59 3.74
N LYS A 164 -16.11 -26.84 4.82
CA LYS A 164 -16.15 -27.37 6.17
C LYS A 164 -16.68 -26.28 7.09
N LYS A 165 -16.83 -26.60 8.36
CA LYS A 165 -17.40 -25.64 9.30
C LYS A 165 -16.47 -24.45 9.48
N PRO A 166 -16.94 -23.22 9.30
CA PRO A 166 -16.08 -22.06 9.57
C PRO A 166 -15.74 -21.95 11.05
N SER A 167 -14.49 -21.61 11.32
CA SER A 167 -14.02 -21.42 12.69
C SER A 167 -12.71 -20.66 12.66
N ILE A 168 -12.55 -19.73 13.61
CA ILE A 168 -11.29 -19.01 13.72
C ILE A 168 -10.14 -19.92 14.15
N PHE A 169 -10.44 -21.06 14.78
CA PHE A 169 -9.43 -21.95 15.30
C PHE A 169 -8.89 -22.93 14.27
N SER A 170 -9.28 -22.79 13.01
CA SER A 170 -8.77 -23.66 11.96
C SER A 170 -7.32 -23.32 11.60
N ARG B 9 2.24 5.41 21.08
CA ARG B 9 3.57 5.14 20.52
C ARG B 9 4.70 5.42 21.52
N ILE B 10 5.88 4.89 21.22
CA ILE B 10 7.07 5.15 22.01
C ILE B 10 7.87 6.25 21.32
N GLU B 11 8.85 6.82 22.04
CA GLU B 11 9.65 7.90 21.46
C GLU B 11 10.22 7.49 20.11
N ARG B 12 10.76 6.28 20.03
CA ARG B 12 11.34 5.83 18.78
C ARG B 12 10.29 5.82 17.67
N GLU B 13 9.10 5.32 17.99
CA GLU B 13 8.01 5.30 16.99
C GLU B 13 7.57 6.70 16.64
N GLN B 14 7.54 7.61 17.61
CA GLN B 14 7.08 8.96 17.32
C GLN B 14 8.05 9.69 16.39
N HIS B 15 9.35 9.53 16.61
CA HIS B 15 10.32 10.17 15.72
C HIS B 15 10.26 9.58 14.32
N HIS B 16 10.09 8.26 14.22
CA HIS B 16 9.94 7.64 12.91
C HIS B 16 8.69 8.12 12.18
N LEU B 17 7.57 8.24 12.91
CA LEU B 17 6.35 8.74 12.28
C LEU B 17 6.57 10.13 11.71
N ILE B 18 7.20 11.01 12.50
CA ILE B 18 7.45 12.37 12.05
C ILE B 18 8.31 12.38 10.79
N GLU B 19 9.40 11.59 10.79
CA GLU B 19 10.25 11.58 9.61
C GLU B 19 9.50 11.05 8.40
N SER B 20 8.64 10.04 8.60
CA SER B 20 7.91 9.48 7.48
C SER B 20 6.95 10.51 6.90
N ILE B 21 6.31 11.31 7.77
CA ILE B 21 5.41 12.35 7.27
C ILE B 21 6.20 13.41 6.55
N GLU B 22 7.33 13.82 7.12
CA GLU B 22 8.11 14.90 6.49
C GLU B 22 8.62 14.47 5.13
N LYS B 23 9.22 13.28 5.03
CA LYS B 23 9.80 12.86 3.76
C LYS B 23 8.71 12.67 2.70
N SER B 24 7.59 12.06 3.06
CA SER B 24 6.55 11.81 2.06
C SER B 24 5.92 13.10 1.59
N THR B 25 5.62 14.02 2.53
CA THR B 25 5.00 15.28 2.12
C THR B 25 5.96 16.16 1.33
N GLN B 26 7.26 16.13 1.64
CA GLN B 26 8.20 16.88 0.81
C GLN B 26 8.22 16.35 -0.61
N TYR B 27 8.18 15.03 -0.77
CA TYR B 27 8.13 14.43 -2.10
C TYR B 27 6.87 14.85 -2.84
N MET B 28 5.73 14.81 -2.16
CA MET B 28 4.45 15.14 -2.81
C MET B 28 4.34 16.64 -3.08
N ALA B 29 4.88 17.47 -2.18
CA ALA B 29 4.80 18.92 -2.38
C ALA B 29 5.56 19.34 -3.62
N LYS B 30 6.73 18.74 -3.87
CA LYS B 30 7.52 19.10 -5.05
C LYS B 30 6.76 18.77 -6.33
N ARG B 31 5.93 17.74 -6.31
CA ARG B 31 5.23 17.27 -7.49
C ARG B 31 3.77 17.72 -7.54
N ARG B 32 3.34 18.58 -6.61
CA ARG B 32 1.96 19.05 -6.55
C ARG B 32 0.98 17.88 -6.46
N ILE B 33 1.33 16.88 -5.66
CA ILE B 33 0.46 15.73 -5.40
C ILE B 33 -0.34 16.02 -4.13
N GLY B 34 -1.66 16.08 -4.27
CA GLY B 34 -2.51 16.31 -3.11
C GLY B 34 -2.44 15.15 -2.12
N ALA B 35 -2.47 15.49 -0.83
CA ALA B 35 -2.40 14.48 0.20
C ALA B 35 -3.10 14.95 1.46
N LEU B 36 -3.52 13.98 2.27
CA LEU B 36 -4.33 14.22 3.46
C LEU B 36 -4.03 13.10 4.44
N ILE B 37 -3.29 13.41 5.52
CA ILE B 37 -2.83 12.42 6.49
C ILE B 37 -3.26 12.88 7.88
N SER B 38 -4.13 12.11 8.53
CA SER B 38 -4.67 12.45 9.85
C SER B 38 -4.08 11.48 10.87
N VAL B 39 -3.44 12.02 11.91
CA VAL B 39 -2.78 11.22 12.92
C VAL B 39 -3.65 11.26 14.18
N ALA B 40 -4.17 10.11 14.58
CA ALA B 40 -4.98 10.04 15.79
C ALA B 40 -4.14 10.28 17.04
N ARG B 41 -4.75 10.93 18.05
CA ARG B 41 -4.12 11.10 19.34
C ARG B 41 -5.02 10.46 20.41
N ASP B 42 -5.51 11.22 21.38
CA ASP B 42 -6.25 10.61 22.48
C ASP B 42 -7.69 10.27 22.11
N THR B 43 -8.32 11.04 21.22
CA THR B 43 -9.77 10.96 21.08
C THR B 43 -10.23 9.65 20.47
N GLY B 44 -9.59 9.23 19.37
CA GLY B 44 -10.00 7.98 18.74
C GLY B 44 -10.84 8.19 17.49
N MET B 45 -10.55 7.44 16.44
CA MET B 45 -11.09 7.73 15.12
C MET B 45 -11.54 6.48 14.39
N ASP B 46 -11.92 5.42 15.13
CA ASP B 46 -12.26 4.14 14.51
C ASP B 46 -13.37 4.29 13.48
N ASP B 47 -14.33 5.18 13.73
CA ASP B 47 -15.44 5.33 12.78
C ASP B 47 -14.97 5.89 11.44
N TYR B 48 -13.90 6.68 11.43
CA TYR B 48 -13.44 7.25 10.17
C TYR B 48 -12.52 6.31 9.39
N ILE B 49 -11.70 5.49 10.08
CA ILE B 49 -10.92 4.50 9.35
C ILE B 49 -11.81 3.41 8.76
N GLU B 50 -12.94 3.12 9.42
CA GLU B 50 -13.89 2.15 8.86
C GLU B 50 -14.44 2.63 7.52
N THR B 51 -14.49 3.94 7.29
CA THR B 51 -15.00 4.43 6.01
C THR B 51 -14.06 4.15 4.84
N GLY B 52 -12.79 3.85 5.08
CA GLY B 52 -11.85 3.78 3.98
C GLY B 52 -11.53 2.36 3.54
N ILE B 53 -10.35 2.21 2.96
CA ILE B 53 -9.81 0.91 2.58
C ILE B 53 -8.82 0.50 3.67
N PRO B 54 -9.04 -0.61 4.36
CA PRO B 54 -8.15 -0.99 5.45
C PRO B 54 -6.77 -1.43 4.95
N LEU B 55 -5.74 -0.90 5.59
CA LEU B 55 -4.35 -1.25 5.30
C LEU B 55 -3.64 -1.89 6.48
N ASN B 56 -3.85 -1.39 7.70
CA ASN B 56 -3.14 -1.89 8.89
C ASN B 56 -1.65 -2.12 8.64
N ALA B 57 -0.98 -1.14 8.04
CA ALA B 57 0.34 -1.31 7.47
C ALA B 57 1.42 -0.61 8.29
N LYS B 58 2.65 -1.11 8.17
CA LYS B 58 3.78 -0.42 8.75
C LYS B 58 3.90 0.99 8.17
N ILE B 59 4.25 1.95 9.02
CA ILE B 59 4.43 3.33 8.59
C ILE B 59 5.77 3.45 7.86
N SER B 60 5.75 3.97 6.64
CA SER B 60 6.95 4.37 5.92
C SER B 60 6.63 5.54 5.01
N SER B 61 7.66 6.34 4.69
CA SER B 61 7.48 7.39 3.69
C SER B 61 7.12 6.79 2.32
N GLN B 62 7.74 5.66 1.97
CA GLN B 62 7.50 5.04 0.66
C GLN B 62 6.03 4.67 0.47
N LEU B 63 5.42 4.06 1.48
CA LEU B 63 4.03 3.69 1.35
C LEU B 63 3.11 4.93 1.33
N LEU B 64 3.41 5.92 2.17
CA LEU B 64 2.63 7.16 2.13
C LEU B 64 2.66 7.78 0.73
N ILE B 65 3.84 7.79 0.09
CA ILE B 65 3.95 8.34 -1.25
C ILE B 65 3.11 7.52 -2.23
N ASN B 66 3.28 6.20 -2.19
CA ASN B 66 2.55 5.34 -3.14
C ASN B 66 1.05 5.46 -2.99
N ILE B 67 0.55 5.69 -1.77
CA ILE B 67 -0.88 5.82 -1.55
C ILE B 67 -1.47 6.97 -2.37
N PHE B 68 -0.79 8.12 -2.39
CA PHE B 68 -1.40 9.33 -2.91
C PHE B 68 -1.17 9.59 -4.40
N ILE B 69 -0.54 8.67 -5.12
CA ILE B 69 -0.32 8.95 -6.55
C ILE B 69 -1.67 9.22 -7.22
N PRO B 70 -1.80 10.29 -8.01
CA PRO B 70 -3.11 10.61 -8.59
C PRO B 70 -3.67 9.49 -9.44
N ASN B 71 -5.01 9.39 -9.43
CA ASN B 71 -5.73 8.48 -10.31
C ASN B 71 -5.47 7.00 -9.97
N THR B 72 -5.17 6.71 -8.71
CA THR B 72 -4.96 5.36 -8.22
C THR B 72 -6.05 4.96 -7.23
N PRO B 73 -6.23 3.66 -6.98
CA PRO B 73 -7.32 3.23 -6.08
C PRO B 73 -7.26 3.80 -4.67
N LEU B 74 -6.07 4.08 -4.13
CA LEU B 74 -5.99 4.51 -2.74
C LEU B 74 -5.94 6.01 -2.54
N HIS B 75 -5.84 6.82 -3.61
CA HIS B 75 -5.49 8.22 -3.43
C HIS B 75 -6.62 9.11 -2.93
N ASP B 76 -7.89 8.76 -3.20
CA ASP B 76 -8.98 9.73 -3.08
C ASP B 76 -9.58 9.72 -1.67
N GLY B 77 -8.89 10.37 -0.75
CA GLY B 77 -9.39 10.50 0.61
C GLY B 77 -8.23 10.63 1.57
N ALA B 78 -8.52 10.40 2.85
CA ALA B 78 -7.52 10.57 3.91
C ALA B 78 -6.85 9.25 4.24
N VAL B 79 -5.56 9.33 4.56
CA VAL B 79 -4.86 8.29 5.30
C VAL B 79 -5.06 8.56 6.79
N ILE B 80 -5.38 7.51 7.54
CA ILE B 80 -5.55 7.58 8.98
C ILE B 80 -4.42 6.78 9.61
N ILE B 81 -3.65 7.43 10.48
CA ILE B 81 -2.60 6.77 11.23
C ILE B 81 -3.07 6.61 12.67
N LYS B 82 -3.05 5.36 13.14
CA LYS B 82 -3.54 5.01 14.47
C LYS B 82 -2.49 4.14 15.12
N GLY B 83 -2.04 4.55 16.30
CA GLY B 83 -0.90 3.96 16.96
C GLY B 83 0.27 3.97 16.02
N ASN B 84 0.83 2.80 15.79
CA ASN B 84 2.00 2.69 14.94
C ASN B 84 1.68 2.07 13.59
N GLU B 85 0.47 2.29 13.06
CA GLU B 85 0.10 1.75 11.76
C GLU B 85 -0.57 2.80 10.91
N ILE B 86 -0.40 2.67 9.59
CA ILE B 86 -1.29 3.27 8.61
C ILE B 86 -2.55 2.39 8.61
N ALA B 87 -3.59 2.88 9.28
CA ALA B 87 -4.80 2.07 9.45
C ALA B 87 -5.57 1.94 8.16
N SER B 88 -5.74 3.04 7.43
CA SER B 88 -6.60 3.05 6.26
C SER B 88 -6.17 4.15 5.31
N ALA B 89 -6.60 4.01 4.06
CA ALA B 89 -6.46 5.04 3.05
C ALA B 89 -7.82 5.26 2.44
N ALA B 90 -7.95 6.36 1.70
CA ALA B 90 -9.20 6.71 1.02
C ALA B 90 -10.37 6.85 2.00
N SER B 91 -10.10 7.33 3.22
CA SER B 91 -11.14 7.46 4.24
C SER B 91 -11.81 8.83 4.17
N TYR B 92 -13.07 8.88 4.61
CA TYR B 92 -13.81 10.12 4.61
C TYR B 92 -13.69 10.80 5.96
N LEU B 93 -13.20 12.02 5.96
CA LEU B 93 -13.25 12.87 7.14
C LEU B 93 -14.44 13.80 7.04
N PRO B 94 -14.93 14.31 8.17
CA PRO B 94 -16.01 15.30 8.13
C PRO B 94 -15.53 16.59 7.48
N LEU B 95 -16.44 17.27 6.77
CA LEU B 95 -16.12 18.55 6.14
C LEU B 95 -16.52 19.70 7.05
N SER B 96 -15.58 20.61 7.33
CA SER B 96 -15.90 21.81 8.10
C SER B 96 -16.77 22.76 7.27
N ASP B 97 -17.72 23.41 7.93
CA ASP B 97 -18.50 24.47 7.28
C ASP B 97 -17.92 25.86 7.51
N SER B 98 -16.66 25.95 7.95
CA SER B 98 -16.10 27.22 8.35
C SER B 98 -16.12 28.20 7.18
N PRO B 99 -16.63 29.41 7.36
CA PRO B 99 -16.55 30.42 6.31
C PRO B 99 -15.22 31.16 6.29
N PHE B 100 -14.32 30.84 7.21
CA PHE B 100 -13.04 31.53 7.30
C PHE B 100 -11.95 30.84 6.50
N LEU B 101 -12.15 29.57 6.15
CA LEU B 101 -11.20 28.85 5.32
C LEU B 101 -11.19 29.49 3.94
N SER B 102 -9.99 29.80 3.45
CA SER B 102 -9.85 30.54 2.21
C SER B 102 -10.53 29.81 1.06
N LYS B 103 -11.13 30.59 0.16
CA LYS B 103 -11.89 30.01 -0.95
C LYS B 103 -11.00 29.18 -1.87
N GLU B 104 -9.70 29.50 -1.95
CA GLU B 104 -8.80 28.82 -2.85
C GLU B 104 -8.36 27.45 -2.36
N LEU B 105 -8.69 27.08 -1.12
CA LEU B 105 -8.35 25.77 -0.62
C LEU B 105 -9.38 24.74 -1.10
N GLY B 106 -8.95 23.48 -1.11
CA GLY B 106 -9.76 22.41 -1.66
C GLY B 106 -10.50 21.61 -0.61
N THR B 107 -11.16 20.56 -1.08
CA THR B 107 -11.90 19.66 -0.20
C THR B 107 -10.98 19.05 0.86
N ARG B 108 -9.74 18.71 0.47
CA ARG B 108 -8.82 18.10 1.43
C ARG B 108 -8.64 18.98 2.65
N HIS B 109 -8.52 20.29 2.43
CA HIS B 109 -8.31 21.19 3.56
C HIS B 109 -9.55 21.27 4.44
N ARG B 110 -10.72 21.29 3.81
CA ARG B 110 -11.96 21.34 4.58
C ARG B 110 -12.18 20.06 5.36
N ALA B 111 -11.75 18.90 4.80
CA ALA B 111 -11.78 17.66 5.56
C ALA B 111 -10.77 17.68 6.72
N ALA B 112 -9.56 18.16 6.46
CA ALA B 112 -8.58 18.27 7.55
C ALA B 112 -9.12 19.15 8.68
N LEU B 113 -9.77 20.26 8.31
CA LEU B 113 -10.32 21.15 9.32
C LEU B 113 -11.48 20.47 10.04
N GLY B 114 -12.33 19.77 9.31
CA GLY B 114 -13.47 19.10 9.91
C GLY B 114 -13.07 18.08 10.96
N ILE B 115 -12.09 17.21 10.64
CA ILE B 115 -11.68 16.23 11.63
C ILE B 115 -11.07 16.93 12.86
N SER B 116 -10.39 18.06 12.65
CA SER B 116 -9.77 18.76 13.77
C SER B 116 -10.79 19.43 14.69
N GLU B 117 -12.03 19.65 14.21
CA GLU B 117 -13.05 20.29 15.03
C GLU B 117 -13.72 19.30 15.98
N VAL B 118 -13.55 18.01 15.75
CA VAL B 118 -14.25 16.97 16.50
C VAL B 118 -13.32 15.93 17.11
N THR B 119 -12.00 16.10 16.96
CA THR B 119 -11.02 15.20 17.56
C THR B 119 -9.78 16.02 17.89
N ASP B 120 -8.88 15.44 18.69
CA ASP B 120 -7.59 16.05 18.95
C ASP B 120 -6.50 15.59 17.98
N SER B 121 -6.89 15.12 16.79
N SER B 121 -6.89 15.12 16.80
CA SER B 121 -5.94 14.60 15.83
CA SER B 121 -5.90 14.60 15.87
C SER B 121 -5.11 15.74 15.23
C SER B 121 -5.08 15.75 15.28
N ILE B 122 -3.94 15.40 14.71
CA ILE B 122 -3.09 16.32 13.97
C ILE B 122 -3.15 15.89 12.52
N THR B 123 -3.55 16.79 11.62
CA THR B 123 -3.74 16.41 10.23
C THR B 123 -2.87 17.27 9.34
N ILE B 124 -2.23 16.63 8.37
CA ILE B 124 -1.31 17.27 7.44
C ILE B 124 -1.91 17.20 6.04
N VAL B 125 -1.83 18.31 5.31
CA VAL B 125 -2.41 18.42 3.97
C VAL B 125 -1.35 18.96 3.02
N VAL B 126 -1.29 18.38 1.83
CA VAL B 126 -0.49 18.91 0.74
C VAL B 126 -1.45 19.36 -0.35
N SER B 127 -1.33 20.62 -0.77
CA SER B 127 -2.19 21.18 -1.81
C SER B 127 -1.77 20.68 -3.18
N GLU B 128 -2.74 20.20 -3.97
CA GLU B 128 -2.42 19.83 -5.34
C GLU B 128 -2.31 21.04 -6.26
N GLU B 129 -2.69 22.23 -5.78
CA GLU B 129 -2.59 23.43 -6.58
C GLU B 129 -1.21 24.07 -6.45
N THR B 130 -0.72 24.20 -5.22
CA THR B 130 0.50 24.94 -4.94
C THR B 130 1.62 24.09 -4.37
N GLY B 131 1.34 22.86 -3.94
CA GLY B 131 2.31 22.10 -3.18
C GLY B 131 2.50 22.59 -1.76
N GLY B 132 1.75 23.60 -1.33
CA GLY B 132 1.89 24.08 0.03
C GLY B 132 1.41 23.04 1.03
N ILE B 133 2.09 22.98 2.16
CA ILE B 133 1.76 22.06 3.24
C ILE B 133 1.01 22.83 4.33
N SER B 134 -0.08 22.23 4.83
CA SER B 134 -0.88 22.85 5.87
C SER B 134 -1.13 21.83 6.96
N LEU B 135 -1.46 22.35 8.14
CA LEU B 135 -1.75 21.54 9.32
C LEU B 135 -3.07 22.01 9.91
N THR B 136 -3.82 21.06 10.49
CA THR B 136 -4.99 21.42 11.30
C THR B 136 -4.90 20.78 12.67
N LYS B 137 -5.42 21.50 13.67
CA LYS B 137 -5.43 21.06 15.06
C LYS B 137 -6.48 21.89 15.78
N GLY B 138 -7.34 21.23 16.55
CA GLY B 138 -8.25 21.96 17.43
C GLY B 138 -9.12 22.97 16.72
N GLY B 139 -9.57 22.66 15.50
CA GLY B 139 -10.49 23.50 14.77
C GLY B 139 -9.84 24.65 14.03
N GLU B 140 -8.52 24.66 13.88
CA GLU B 140 -7.84 25.74 13.22
C GLU B 140 -6.86 25.19 12.19
N LEU B 141 -6.49 26.03 11.24
CA LEU B 141 -5.57 25.64 10.18
C LEU B 141 -4.36 26.57 10.17
N PHE B 142 -3.18 25.97 9.99
CA PHE B 142 -1.93 26.72 9.81
C PHE B 142 -1.50 26.42 8.38
N ARG B 143 -1.52 27.44 7.53
CA ARG B 143 -1.41 27.29 6.09
C ARG B 143 0.02 27.56 5.59
N ASP B 144 0.46 26.73 4.63
CA ASP B 144 1.72 26.94 3.91
C ASP B 144 2.91 27.03 4.87
N VAL B 145 3.12 25.95 5.60
CA VAL B 145 4.17 25.88 6.60
C VAL B 145 5.50 25.59 5.92
N SER B 146 6.57 26.14 6.49
CA SER B 146 7.92 25.81 6.06
C SER B 146 8.32 24.44 6.61
N GLU B 147 9.40 23.89 6.05
CA GLU B 147 9.92 22.63 6.56
C GLU B 147 10.26 22.73 8.04
N GLU B 148 10.89 23.85 8.45
CA GLU B 148 11.22 24.04 9.86
C GLU B 148 9.95 24.13 10.70
N GLU B 149 8.95 24.89 10.22
CA GLU B 149 7.68 25.00 10.94
C GLU B 149 6.99 23.66 11.06
N LEU B 150 6.96 22.89 9.97
CA LEU B 150 6.35 21.58 10.01
C LEU B 150 7.04 20.70 11.04
N HIS B 151 8.37 20.68 11.03
CA HIS B 151 9.08 19.84 11.97
C HIS B 151 8.82 20.25 13.41
N LYS B 152 8.85 21.56 13.69
CA LYS B 152 8.67 22.03 15.05
C LYS B 152 7.29 21.64 15.59
N ILE B 153 6.26 21.76 14.74
CA ILE B 153 4.91 21.46 15.20
C ILE B 153 4.72 19.96 15.37
N LEU B 154 5.23 19.15 14.43
CA LEU B 154 5.08 17.70 14.57
C LEU B 154 5.83 17.22 15.80
N LEU B 155 7.02 17.75 16.04
CA LEU B 155 7.76 17.39 17.25
C LEU B 155 6.96 17.74 18.49
N LYS B 156 6.41 18.96 18.53
CA LYS B 156 5.66 19.38 19.72
C LYS B 156 4.42 18.51 19.91
N GLU B 157 3.68 18.25 18.83
CA GLU B 157 2.38 17.63 18.98
C GLU B 157 2.43 16.11 19.00
N LEU B 158 3.47 15.49 18.42
CA LEU B 158 3.50 14.04 18.28
C LEU B 158 4.54 13.33 19.13
N VAL B 159 5.46 14.05 19.77
CA VAL B 159 6.46 13.46 20.66
C VAL B 159 6.11 13.83 22.09
N THR B 160 5.82 12.83 22.92
CA THR B 160 5.29 13.08 24.26
C THR B 160 6.22 13.97 25.08
N VAL B 161 7.52 13.69 25.05
CA VAL B 161 8.48 14.50 25.80
C VAL B 161 8.65 15.87 25.15
N THR B 162 8.66 15.91 23.82
CA THR B 162 8.85 17.16 23.09
C THR B 162 7.51 17.76 22.66
#